data_7NM8
#
_entry.id   7NM8
#
_cell.length_a   92.223
_cell.length_b   92.223
_cell.length_c   113.751
_cell.angle_alpha   90.000
_cell.angle_beta   90.000
_cell.angle_gamma   120.000
#
_symmetry.space_group_name_H-M   'P 62 2 2'
#
loop_
_entity.id
_entity.type
_entity.pdbx_description
1 polymer 'Antimycin pathway standalone ketoreductase, AntM'
2 non-polymer 'NADPH DIHYDRO-NICOTINAMIDE-ADENINE-DINUCLEOTIDE PHOSPHATE'
3 non-polymer GLYCEROL
4 water water
#
_entity_poly.entity_id   1
_entity_poly.type   'polypeptide(L)'
_entity_poly.pdbx_seq_one_letter_code
;MGSSHHHHHHSSGLVPRGSHMENLYFQGMTTTQRHQGRTALVTGGSRGIGRAISRRLAAEGALVAVHYGHDHAAAERTVK
EIETDGGRAFPVHAELGVEGDAATLWAAFDEALSGTGSGPGLDILVNNAGITLPRPIAAVTEAEYDRVFAVNTRAPFFIV
QRSLERLRDGGRIISISSAATQTAYPAIVAYSMSKGALDVLTPALAKQLGPRGITVNTVAPGFTETEINPTLSNPEIRKA
LSSASVFGRLGAPADIADVVSFVASDEARWVTGQWIDATGGVGLGL
;
_entity_poly.pdbx_strand_id   AAA
#
# COMPACT_ATOMS: atom_id res chain seq x y z
N THR A 32 -1.27 -14.72 16.14
CA THR A 32 -1.44 -13.43 16.85
C THR A 32 -2.94 -13.15 17.02
N GLN A 33 -3.66 -13.00 15.91
CA GLN A 33 -5.08 -12.54 15.77
C GLN A 33 -5.24 -11.09 16.22
N ARG A 34 -4.24 -10.23 15.95
CA ARG A 34 -4.33 -8.83 16.40
C ARG A 34 -5.20 -8.03 15.44
N HIS A 35 -5.68 -8.61 14.32
CA HIS A 35 -6.67 -7.95 13.42
C HIS A 35 -8.01 -8.69 13.43
N GLN A 36 -8.26 -9.48 14.48
CA GLN A 36 -9.50 -10.31 14.67
C GLN A 36 -10.71 -9.40 14.55
N GLY A 37 -11.55 -9.64 13.54
CA GLY A 37 -12.87 -9.04 13.41
C GLY A 37 -12.80 -7.71 12.71
N ARG A 38 -11.67 -7.38 12.08
CA ARG A 38 -11.47 -6.07 11.44
C ARG A 38 -11.61 -6.25 9.93
N THR A 39 -12.09 -5.23 9.25
CA THR A 39 -12.18 -5.21 7.77
C THR A 39 -11.04 -4.34 7.24
N ALA A 40 -10.24 -4.88 6.33
CA ALA A 40 -9.13 -4.15 5.66
C ALA A 40 -9.43 -4.03 4.17
N LEU A 41 -9.06 -2.91 3.57
CA LEU A 41 -8.90 -2.76 2.13
C LEU A 41 -7.40 -2.58 1.83
N VAL A 42 -6.85 -3.41 0.94
CA VAL A 42 -5.46 -3.25 0.40
C VAL A 42 -5.52 -2.94 -1.08
N THR A 43 -5.18 -1.74 -1.50
CA THR A 43 -5.15 -1.39 -2.95
C THR A 43 -3.94 -2.12 -3.55
N GLY A 44 -4.06 -2.61 -4.78
CA GLY A 44 -3.07 -3.50 -5.41
C GLY A 44 -2.68 -4.61 -4.46
N GLY A 45 -3.64 -5.26 -3.84
CA GLY A 45 -3.42 -6.37 -2.90
C GLY A 45 -3.16 -7.71 -3.58
N SER A 46 -3.16 -7.78 -4.91
CA SER A 46 -3.17 -9.07 -5.66
C SER A 46 -1.76 -9.66 -5.83
N ARG A 47 -0.73 -8.83 -5.85
CA ARG A 47 0.66 -9.32 -6.06
C ARG A 47 1.65 -8.44 -5.31
N GLY A 48 2.88 -8.94 -5.19
CA GLY A 48 4.00 -8.16 -4.69
C GLY A 48 3.76 -7.79 -3.25
N ILE A 49 4.09 -6.56 -2.89
CA ILE A 49 3.97 -6.13 -1.46
C ILE A 49 2.48 -6.22 -1.02
N GLY A 50 1.55 -5.82 -1.90
CA GLY A 50 0.10 -5.83 -1.64
C GLY A 50 -0.37 -7.23 -1.26
N ARG A 51 0.08 -8.22 -2.02
CA ARG A 51 -0.27 -9.63 -1.72
C ARG A 51 0.26 -10.03 -0.34
N ALA A 52 1.52 -9.70 0.00
CA ALA A 52 2.10 -10.05 1.32
C ALA A 52 1.28 -9.37 2.42
N ILE A 53 0.92 -8.09 2.23
CA ILE A 53 0.11 -7.33 3.22
C ILE A 53 -1.24 -8.06 3.37
N SER A 54 -1.91 -8.30 2.23
CA SER A 54 -3.25 -8.95 2.21
C SER A 54 -3.17 -10.23 3.03
N ARG A 55 -2.17 -11.07 2.75
CA ARG A 55 -2.04 -12.43 3.36
C ARG A 55 -1.74 -12.32 4.85
N ARG A 56 -0.83 -11.42 5.25
CA ARG A 56 -0.51 -11.18 6.67
C ARG A 56 -1.77 -10.68 7.41
N LEU A 57 -2.47 -9.67 6.89
CA LEU A 57 -3.66 -9.14 7.62
C LEU A 57 -4.71 -10.24 7.81
N ALA A 58 -4.96 -11.06 6.78
CA ALA A 58 -5.95 -12.17 6.78
C ALA A 58 -5.54 -13.26 7.78
N ALA A 59 -4.24 -13.59 7.82
CA ALA A 59 -3.68 -14.62 8.72
C ALA A 59 -3.87 -14.18 10.18
N GLU A 60 -3.97 -12.87 10.39
CA GLU A 60 -4.16 -12.26 11.72
C GLU A 60 -5.64 -11.96 11.98
N GLY A 61 -6.55 -12.41 11.11
CA GLY A 61 -7.99 -12.47 11.41
C GLY A 61 -8.77 -11.38 10.71
N ALA A 62 -8.11 -10.54 9.91
CA ALA A 62 -8.80 -9.48 9.14
C ALA A 62 -9.59 -10.11 7.98
N LEU A 63 -10.75 -9.52 7.68
CA LEU A 63 -11.48 -9.72 6.41
C LEU A 63 -10.86 -8.76 5.40
N VAL A 64 -10.24 -9.27 4.32
CA VAL A 64 -9.41 -8.41 3.44
C VAL A 64 -10.05 -8.27 2.08
N ALA A 65 -10.32 -7.03 1.70
CA ALA A 65 -10.65 -6.62 0.32
C ALA A 65 -9.33 -6.51 -0.47
N VAL A 66 -9.15 -7.44 -1.41
CA VAL A 66 -7.95 -7.53 -2.29
C VAL A 66 -8.28 -6.77 -3.55
N HIS A 67 -7.81 -5.55 -3.66
CA HIS A 67 -8.15 -4.66 -4.79
C HIS A 67 -7.08 -4.80 -5.85
N TYR A 68 -7.45 -4.57 -7.10
CA TYR A 68 -6.56 -4.69 -8.28
C TYR A 68 -7.23 -3.97 -9.46
N GLY A 69 -6.48 -3.63 -10.50
CA GLY A 69 -6.99 -2.87 -11.66
C GLY A 69 -7.13 -3.70 -12.96
N HIS A 70 -6.40 -4.80 -13.11
CA HIS A 70 -6.12 -5.44 -14.43
C HIS A 70 -6.19 -6.96 -14.35
N ASP A 71 -5.33 -7.60 -13.55
CA ASP A 71 -5.13 -9.07 -13.59
C ASP A 71 -6.12 -9.80 -12.67
N HIS A 72 -7.29 -10.17 -13.20
CA HIS A 72 -8.36 -10.91 -12.47
C HIS A 72 -7.80 -12.22 -11.91
N ALA A 73 -6.99 -12.92 -12.70
CA ALA A 73 -6.42 -14.24 -12.32
C ALA A 73 -5.60 -14.12 -11.04
N ALA A 74 -4.62 -13.20 -11.02
CA ALA A 74 -3.72 -12.92 -9.86
C ALA A 74 -4.56 -12.69 -8.60
N ALA A 75 -5.61 -11.86 -8.73
CA ALA A 75 -6.50 -11.48 -7.61
C ALA A 75 -7.19 -12.74 -7.08
N GLU A 76 -7.68 -13.62 -7.98
CA GLU A 76 -8.33 -14.91 -7.62
C GLU A 76 -7.33 -15.80 -6.89
N ARG A 77 -6.09 -15.98 -7.40
CA ARG A 77 -5.07 -16.83 -6.72
C ARG A 77 -4.80 -16.31 -5.30
N THR A 78 -4.66 -14.99 -5.16
CA THR A 78 -4.34 -14.36 -3.85
C THR A 78 -5.50 -14.67 -2.88
N VAL A 79 -6.74 -14.45 -3.31
CA VAL A 79 -7.92 -14.75 -2.43
C VAL A 79 -7.92 -16.26 -2.10
N LYS A 80 -7.71 -17.12 -3.10
CA LYS A 80 -7.64 -18.60 -2.89
C LYS A 80 -6.57 -18.93 -1.85
N GLU A 81 -5.36 -18.34 -2.00
CA GLU A 81 -4.25 -18.59 -1.03
C GLU A 81 -4.73 -18.28 0.39
N ILE A 82 -5.39 -17.14 0.58
CA ILE A 82 -5.89 -16.71 1.92
C ILE A 82 -6.94 -17.71 2.42
N GLU A 83 -7.91 -18.05 1.56
CA GLU A 83 -9.04 -18.96 1.92
C GLU A 83 -8.48 -20.34 2.28
N THR A 84 -7.55 -20.88 1.47
CA THR A 84 -6.79 -22.12 1.77
C THR A 84 -6.18 -22.09 3.17
N ASP A 85 -5.57 -20.96 3.59
CA ASP A 85 -4.84 -20.88 4.89
C ASP A 85 -5.81 -20.65 6.06
N GLY A 86 -7.12 -20.53 5.82
CA GLY A 86 -8.12 -20.41 6.90
C GLY A 86 -8.64 -18.98 7.09
N GLY A 87 -8.30 -18.06 6.20
CA GLY A 87 -8.68 -16.64 6.31
C GLY A 87 -9.76 -16.26 5.31
N ARG A 88 -10.22 -15.01 5.36
CA ARG A 88 -11.39 -14.53 4.57
C ARG A 88 -10.92 -13.29 3.81
N ALA A 89 -11.17 -13.30 2.51
CA ALA A 89 -10.80 -12.25 1.56
C ALA A 89 -11.75 -12.34 0.36
N PHE A 90 -11.82 -11.28 -0.40
CA PHE A 90 -12.67 -11.19 -1.60
C PHE A 90 -12.03 -10.15 -2.51
N PRO A 91 -12.13 -10.35 -3.83
CA PRO A 91 -11.58 -9.39 -4.80
C PRO A 91 -12.42 -8.13 -4.97
N VAL A 92 -11.75 -7.03 -5.31
CA VAL A 92 -12.41 -5.74 -5.64
C VAL A 92 -11.69 -5.19 -6.85
N HIS A 93 -12.41 -5.11 -7.98
CA HIS A 93 -11.85 -4.64 -9.26
C HIS A 93 -12.09 -3.13 -9.36
N ALA A 94 -11.02 -2.34 -9.46
CA ALA A 94 -11.14 -0.96 -9.95
C ALA A 94 -9.81 -0.50 -10.51
N GLU A 95 -9.84 -0.07 -11.78
CA GLU A 95 -8.69 0.56 -12.46
C GLU A 95 -8.52 1.95 -11.85
N LEU A 96 -7.28 2.25 -11.40
CA LEU A 96 -6.92 3.55 -10.80
C LEU A 96 -6.18 4.35 -11.84
N GLY A 97 -6.25 5.67 -11.73
CA GLY A 97 -5.65 6.64 -12.66
C GLY A 97 -6.58 6.96 -13.81
N VAL A 98 -7.89 6.78 -13.62
CA VAL A 98 -8.95 7.07 -14.66
C VAL A 98 -10.13 7.78 -13.99
N GLU A 99 -10.86 8.60 -14.74
CA GLU A 99 -12.12 9.29 -14.31
C GLU A 99 -12.99 8.35 -13.48
N GLY A 100 -13.42 8.79 -12.30
CA GLY A 100 -14.31 8.02 -11.40
C GLY A 100 -13.66 6.83 -10.71
N ASP A 101 -12.32 6.72 -10.70
CA ASP A 101 -11.63 5.52 -10.15
C ASP A 101 -11.97 5.34 -8.66
N ALA A 102 -11.83 6.39 -7.85
CA ALA A 102 -12.05 6.32 -6.38
C ALA A 102 -13.52 5.91 -6.10
N ALA A 103 -14.48 6.57 -6.75
CA ALA A 103 -15.94 6.24 -6.66
C ALA A 103 -16.20 4.79 -7.08
N THR A 104 -15.56 4.33 -8.18
CA THR A 104 -15.73 2.95 -8.68
C THR A 104 -15.16 2.01 -7.65
N LEU A 105 -13.99 2.33 -7.08
CA LEU A 105 -13.39 1.39 -6.10
C LEU A 105 -14.34 1.21 -4.90
N TRP A 106 -14.88 2.30 -4.36
CA TRP A 106 -15.71 2.22 -3.12
C TRP A 106 -17.09 1.56 -3.42
N ALA A 107 -17.64 1.79 -4.61
CA ALA A 107 -18.87 1.11 -5.12
C ALA A 107 -18.61 -0.40 -5.15
N ALA A 108 -17.52 -0.83 -5.79
CA ALA A 108 -17.16 -2.28 -5.85
C ALA A 108 -16.90 -2.79 -4.43
N PHE A 109 -16.20 -2.03 -3.60
CA PHE A 109 -15.93 -2.46 -2.21
C PHE A 109 -17.25 -2.65 -1.50
N ASP A 110 -18.11 -1.62 -1.48
CA ASP A 110 -19.42 -1.65 -0.78
C ASP A 110 -20.26 -2.85 -1.28
N GLU A 111 -20.34 -3.05 -2.60
CA GLU A 111 -21.05 -4.20 -3.23
C GLU A 111 -20.39 -5.52 -2.78
N ALA A 112 -19.11 -5.69 -3.11
CA ALA A 112 -18.34 -6.92 -2.80
C ALA A 112 -18.44 -7.17 -1.31
N LEU A 113 -18.18 -6.15 -0.50
CA LEU A 113 -18.26 -6.26 0.99
C LEU A 113 -19.67 -6.70 1.39
N SER A 114 -20.70 -6.04 0.87
CA SER A 114 -22.12 -6.32 1.21
C SER A 114 -22.43 -7.80 0.90
N GLY A 115 -21.91 -8.29 -0.23
CA GLY A 115 -22.10 -9.67 -0.71
C GLY A 115 -21.43 -10.70 0.18
N THR A 116 -20.54 -10.26 1.06
CA THR A 116 -19.89 -11.13 2.10
C THR A 116 -20.83 -11.29 3.31
N GLY A 117 -21.89 -10.47 3.41
CA GLY A 117 -22.82 -10.47 4.56
C GLY A 117 -22.20 -9.80 5.78
N SER A 118 -21.11 -9.05 5.59
CA SER A 118 -20.54 -8.15 6.61
C SER A 118 -21.24 -6.79 6.48
N GLY A 119 -21.24 -5.98 7.56
CA GLY A 119 -21.75 -4.60 7.56
C GLY A 119 -20.82 -3.70 6.76
N PRO A 120 -21.24 -2.45 6.47
CA PRO A 120 -20.46 -1.56 5.62
C PRO A 120 -19.21 -1.06 6.37
N GLY A 121 -18.39 -0.21 5.75
CA GLY A 121 -17.29 0.46 6.45
C GLY A 121 -16.07 -0.45 6.63
N LEU A 122 -15.03 0.10 7.27
CA LEU A 122 -13.72 -0.62 7.41
C LEU A 122 -12.91 -0.06 8.57
N ASP A 123 -11.89 -0.82 8.95
CA ASP A 123 -10.96 -0.52 10.07
C ASP A 123 -9.57 -0.11 9.55
N ILE A 124 -9.13 -0.67 8.41
CA ILE A 124 -7.72 -0.57 7.93
C ILE A 124 -7.75 -0.30 6.43
N LEU A 125 -7.18 0.83 6.00
CA LEU A 125 -7.01 1.20 4.59
C LEU A 125 -5.51 1.24 4.29
N VAL A 126 -5.07 0.42 3.34
CA VAL A 126 -3.68 0.44 2.83
C VAL A 126 -3.71 0.88 1.37
N ASN A 127 -3.19 2.08 1.12
CA ASN A 127 -2.92 2.54 -0.25
C ASN A 127 -1.57 1.99 -0.68
N ASN A 128 -1.59 0.89 -1.40
CA ASN A 128 -0.36 0.17 -1.80
C ASN A 128 -0.17 0.26 -3.31
N ALA A 129 -1.28 0.31 -4.05
CA ALA A 129 -1.20 0.25 -5.53
C ALA A 129 -0.28 1.37 -5.99
N GLY A 130 0.65 1.07 -6.89
CA GLY A 130 1.42 2.11 -7.54
C GLY A 130 2.12 1.59 -8.78
N ILE A 131 2.59 2.51 -9.60
CA ILE A 131 3.35 2.19 -10.84
C ILE A 131 4.69 2.92 -10.78
N THR A 132 5.73 2.34 -11.38
CA THR A 132 7.04 3.00 -11.47
C THR A 132 7.11 3.84 -12.76
N LEU A 133 7.99 4.81 -12.80
CA LEU A 133 8.40 5.57 -14.00
C LEU A 133 9.91 5.72 -13.97
N PRO A 134 10.65 4.75 -14.56
CA PRO A 134 12.10 4.78 -14.58
C PRO A 134 12.67 5.60 -15.73
N ARG A 135 12.40 6.90 -15.71
CA ARG A 135 12.94 7.87 -16.66
C ARG A 135 13.41 9.06 -15.85
N PRO A 136 14.63 9.56 -16.14
CA PRO A 136 15.10 10.80 -15.54
C PRO A 136 14.38 11.98 -16.21
N ILE A 137 14.56 13.18 -15.64
CA ILE A 137 13.77 14.38 -15.99
C ILE A 137 13.79 14.60 -17.52
N ALA A 138 14.92 14.43 -18.21
CA ALA A 138 15.03 14.78 -19.65
C ALA A 138 14.19 13.83 -20.52
N ALA A 139 13.78 12.70 -19.98
CA ALA A 139 13.07 11.58 -20.65
C ALA A 139 11.56 11.62 -20.38
N VAL A 140 11.10 12.25 -19.31
CA VAL A 140 9.68 12.12 -18.87
C VAL A 140 8.75 12.87 -19.83
N THR A 141 7.76 12.17 -20.36
CA THR A 141 6.71 12.83 -21.18
C THR A 141 5.56 13.26 -20.27
N GLU A 142 4.71 14.18 -20.75
CA GLU A 142 3.46 14.61 -20.07
C GLU A 142 2.60 13.40 -19.78
N ALA A 143 2.41 12.52 -20.76
CA ALA A 143 1.54 11.33 -20.61
C ALA A 143 2.04 10.46 -19.46
N GLU A 144 3.34 10.20 -19.43
CA GLU A 144 3.94 9.29 -18.41
C GLU A 144 3.83 9.97 -17.03
N TYR A 145 4.15 11.26 -16.97
CA TYR A 145 4.12 12.06 -15.72
C TYR A 145 2.68 12.01 -15.20
N ASP A 146 1.72 12.32 -16.07
CA ASP A 146 0.29 12.43 -15.69
C ASP A 146 -0.19 11.10 -15.18
N ARG A 147 0.19 10.01 -15.81
CA ARG A 147 -0.23 8.66 -15.41
C ARG A 147 0.37 8.31 -14.04
N VAL A 148 1.63 8.62 -13.77
CA VAL A 148 2.22 8.14 -12.48
C VAL A 148 1.58 8.94 -11.35
N PHE A 149 1.34 10.23 -11.51
CA PHE A 149 0.64 11.08 -10.50
C PHE A 149 -0.80 10.59 -10.32
N ALA A 150 -1.49 10.25 -11.43
CA ALA A 150 -2.91 9.86 -11.37
C ALA A 150 -3.03 8.62 -10.51
N VAL A 151 -2.18 7.62 -10.72
CA VAL A 151 -2.27 6.32 -10.01
C VAL A 151 -1.73 6.50 -8.58
N ASN A 152 -0.57 7.15 -8.46
CA ASN A 152 0.28 7.06 -7.24
C ASN A 152 -0.19 8.06 -6.20
N THR A 153 -0.77 9.18 -6.60
CA THR A 153 -1.03 10.34 -5.72
C THR A 153 -2.53 10.65 -5.72
N ARG A 154 -3.05 10.91 -6.91
CA ARG A 154 -4.46 11.34 -7.07
C ARG A 154 -5.41 10.27 -6.57
N ALA A 155 -5.22 9.01 -6.98
CA ALA A 155 -6.11 7.92 -6.59
C ALA A 155 -6.09 7.74 -5.06
N PRO A 156 -4.93 7.54 -4.41
CA PRO A 156 -4.90 7.46 -2.94
C PRO A 156 -5.63 8.64 -2.26
N PHE A 157 -5.45 9.86 -2.76
CA PHE A 157 -6.02 11.09 -2.14
C PHE A 157 -7.57 11.00 -2.10
N PHE A 158 -8.17 10.70 -3.25
CA PHE A 158 -9.66 10.57 -3.38
C PHE A 158 -10.13 9.26 -2.77
N ILE A 159 -9.30 8.22 -2.79
CA ILE A 159 -9.68 6.96 -2.12
C ILE A 159 -9.78 7.26 -0.62
N VAL A 160 -8.79 7.94 -0.04
CA VAL A 160 -8.82 8.26 1.42
C VAL A 160 -10.03 9.16 1.70
N GLN A 161 -10.28 10.15 0.84
CA GLN A 161 -11.40 11.12 1.02
C GLN A 161 -12.71 10.34 1.18
N ARG A 162 -12.99 9.39 0.31
CA ARG A 162 -14.24 8.61 0.39
C ARG A 162 -14.16 7.59 1.54
N SER A 163 -12.97 7.14 1.96
CA SER A 163 -12.85 6.20 3.10
C SER A 163 -13.39 6.85 4.38
N LEU A 164 -13.36 8.18 4.47
CA LEU A 164 -13.73 8.89 5.74
C LEU A 164 -15.23 8.72 6.03
N GLU A 165 -16.02 8.38 5.01
CA GLU A 165 -17.47 8.06 5.18
C GLU A 165 -17.59 6.71 5.88
N ARG A 166 -16.59 5.84 5.76
CA ARG A 166 -16.69 4.42 6.16
C ARG A 166 -15.75 4.04 7.31
N LEU A 167 -14.67 4.80 7.51
CA LEU A 167 -13.55 4.39 8.43
C LEU A 167 -13.93 4.60 9.90
N ARG A 168 -13.78 3.53 10.67
CA ARG A 168 -14.22 3.46 12.07
C ARG A 168 -13.19 4.08 12.99
N ASP A 169 -13.68 4.46 14.16
CA ASP A 169 -12.86 4.87 15.32
C ASP A 169 -11.75 3.83 15.57
N GLY A 170 -10.58 4.31 16.01
CA GLY A 170 -9.44 3.42 16.27
C GLY A 170 -8.93 2.83 14.97
N GLY A 171 -9.32 3.38 13.82
CA GLY A 171 -8.95 2.85 12.50
C GLY A 171 -7.48 3.13 12.13
N ARG A 172 -7.06 2.68 10.97
CA ARG A 172 -5.67 2.78 10.48
C ARG A 172 -5.70 3.19 9.01
N ILE A 173 -4.99 4.24 8.68
CA ILE A 173 -4.65 4.58 7.27
C ILE A 173 -3.13 4.44 7.12
N ILE A 174 -2.73 3.69 6.13
CA ILE A 174 -1.29 3.37 5.83
C ILE A 174 -1.07 3.56 4.35
N SER A 175 -0.14 4.43 4.04
CA SER A 175 0.32 4.70 2.67
C SER A 175 1.64 3.99 2.47
N ILE A 176 1.78 3.29 1.34
CA ILE A 176 3.06 2.67 0.92
C ILE A 176 3.73 3.69 0.00
N SER A 177 4.85 4.21 0.46
CA SER A 177 5.59 5.27 -0.25
C SER A 177 6.82 4.62 -0.89
N SER A 178 7.96 5.30 -0.82
CA SER A 178 9.25 4.82 -1.37
C SER A 178 10.36 5.53 -0.62
N ALA A 179 11.41 4.78 -0.31
CA ALA A 179 12.69 5.32 0.21
C ALA A 179 13.20 6.46 -0.68
N ALA A 180 12.88 6.42 -1.97
CA ALA A 180 13.34 7.42 -2.97
C ALA A 180 12.85 8.85 -2.67
N THR A 181 11.83 9.07 -1.82
CA THR A 181 11.46 10.45 -1.45
C THR A 181 12.55 11.04 -0.57
N GLN A 182 13.33 10.22 0.15
CA GLN A 182 14.31 10.79 1.11
C GLN A 182 15.76 10.60 0.66
N THR A 183 16.04 9.69 -0.28
CA THR A 183 17.38 9.42 -0.87
C THR A 183 17.24 9.66 -2.37
N ALA A 184 17.92 10.68 -2.92
CA ALA A 184 17.82 11.16 -4.32
C ALA A 184 18.17 10.05 -5.35
N TYR A 185 17.23 9.77 -6.24
CA TYR A 185 17.33 8.78 -7.35
CA TYR A 185 17.37 8.78 -7.36
C TYR A 185 16.87 9.50 -8.61
N PRO A 186 17.76 10.29 -9.27
CA PRO A 186 17.41 11.02 -10.48
C PRO A 186 16.68 10.16 -11.54
N ALA A 187 17.06 8.88 -11.67
CA ALA A 187 16.55 7.98 -12.73
C ALA A 187 15.02 7.79 -12.57
N ILE A 188 14.43 8.08 -11.40
CA ILE A 188 12.97 7.81 -11.15
C ILE A 188 12.29 9.08 -10.61
N VAL A 189 12.84 10.24 -10.93
CA VAL A 189 12.49 11.53 -10.28
C VAL A 189 10.97 11.74 -10.23
N ALA A 190 10.23 11.50 -11.33
CA ALA A 190 8.77 11.82 -11.35
C ALA A 190 8.01 10.87 -10.43
N TYR A 191 8.43 9.61 -10.35
CA TYR A 191 7.93 8.60 -9.40
C TYR A 191 8.21 9.08 -7.95
N SER A 192 9.42 9.57 -7.68
CA SER A 192 9.77 10.01 -6.31
C SER A 192 8.81 11.15 -5.94
N MET A 193 8.59 12.10 -6.84
CA MET A 193 7.73 13.29 -6.59
C MET A 193 6.31 12.84 -6.25
N SER A 194 5.80 11.85 -6.98
CA SER A 194 4.42 11.31 -6.77
C SER A 194 4.34 10.72 -5.36
N LYS A 195 5.41 10.08 -4.89
CA LYS A 195 5.44 9.48 -3.52
C LYS A 195 5.65 10.59 -2.47
N GLY A 196 6.36 11.65 -2.82
CA GLY A 196 6.59 12.83 -1.95
C GLY A 196 5.30 13.55 -1.62
N ALA A 197 4.45 13.72 -2.61
CA ALA A 197 3.10 14.28 -2.38
C ALA A 197 2.31 13.37 -1.44
N LEU A 198 2.36 12.06 -1.67
CA LEU A 198 1.68 11.09 -0.81
C LEU A 198 2.22 11.17 0.64
N ASP A 199 3.53 11.27 0.81
CA ASP A 199 4.15 11.39 2.16
C ASP A 199 3.50 12.54 2.93
N VAL A 200 3.21 13.66 2.24
CA VAL A 200 2.74 14.89 2.90
C VAL A 200 1.28 14.76 3.34
N LEU A 201 0.51 13.85 2.76
CA LEU A 201 -0.88 13.60 3.21
C LEU A 201 -0.92 13.00 4.64
N THR A 202 0.10 12.24 5.02
CA THR A 202 0.10 11.48 6.29
C THR A 202 0.00 12.41 7.50
N PRO A 203 0.90 13.42 7.71
CA PRO A 203 0.83 14.19 8.94
C PRO A 203 -0.48 14.98 9.09
N ALA A 204 -0.90 15.61 8.01
CA ALA A 204 -2.14 16.41 7.98
C ALA A 204 -3.34 15.54 8.42
N LEU A 205 -3.47 14.33 7.89
CA LEU A 205 -4.57 13.41 8.26
C LEU A 205 -4.39 12.85 9.68
N ALA A 206 -3.19 12.46 10.09
CA ALA A 206 -2.93 12.04 11.49
C ALA A 206 -3.47 13.12 12.45
N LYS A 207 -3.17 14.38 12.19
CA LYS A 207 -3.61 15.48 13.07
C LYS A 207 -5.16 15.51 13.07
N GLN A 208 -5.76 15.50 11.89
CA GLN A 208 -7.22 15.67 11.74
C GLN A 208 -7.96 14.51 12.39
N LEU A 209 -7.43 13.28 12.35
CA LEU A 209 -8.20 12.07 12.71
C LEU A 209 -7.83 11.56 14.10
N GLY A 210 -6.80 12.14 14.71
CA GLY A 210 -6.40 11.80 16.08
C GLY A 210 -7.55 11.77 17.06
N PRO A 211 -8.46 12.77 17.10
CA PRO A 211 -9.52 12.78 18.10
C PRO A 211 -10.42 11.55 18.05
N ARG A 212 -10.44 10.81 16.94
CA ARG A 212 -11.23 9.56 16.86
C ARG A 212 -10.33 8.32 17.01
N GLY A 213 -9.09 8.47 17.49
CA GLY A 213 -8.22 7.31 17.73
C GLY A 213 -7.65 6.68 16.46
N ILE A 214 -7.88 7.28 15.29
CA ILE A 214 -7.33 6.78 14.00
C ILE A 214 -5.87 7.22 13.89
N THR A 215 -5.01 6.30 13.49
CA THR A 215 -3.60 6.64 13.16
C THR A 215 -3.44 6.66 11.65
N VAL A 216 -2.56 7.53 11.20
CA VAL A 216 -2.18 7.65 9.78
C VAL A 216 -0.65 7.60 9.72
N ASN A 217 -0.14 6.70 8.91
CA ASN A 217 1.33 6.49 8.79
C ASN A 217 1.69 6.08 7.39
N THR A 218 2.93 6.43 7.02
CA THR A 218 3.59 6.02 5.77
C THR A 218 4.61 4.94 6.10
N VAL A 219 4.59 3.87 5.32
CA VAL A 219 5.64 2.82 5.32
C VAL A 219 6.37 2.92 3.99
N ALA A 220 7.69 3.09 4.00
CA ALA A 220 8.49 3.37 2.79
C ALA A 220 9.37 2.16 2.50
N PRO A 221 9.05 1.32 1.50
CA PRO A 221 9.92 0.19 1.16
C PRO A 221 11.22 0.65 0.49
N GLY A 222 12.22 -0.22 0.57
CA GLY A 222 13.44 -0.03 -0.20
C GLY A 222 13.37 -0.86 -1.48
N PHE A 223 14.50 -1.40 -1.91
CA PHE A 223 14.54 -2.28 -3.11
C PHE A 223 14.00 -3.64 -2.69
N THR A 224 12.84 -3.98 -3.23
CA THR A 224 12.04 -5.12 -2.74
C THR A 224 11.78 -6.08 -3.92
N GLU A 225 12.12 -7.35 -3.72
CA GLU A 225 12.02 -8.37 -4.78
C GLU A 225 10.60 -8.96 -4.82
N THR A 226 9.85 -8.67 -5.87
CA THR A 226 8.46 -9.15 -6.11
C THR A 226 8.46 -10.31 -7.12
N GLU A 227 7.28 -10.84 -7.46
CA GLU A 227 7.05 -11.78 -8.60
C GLU A 227 7.38 -11.12 -9.94
N ILE A 228 7.16 -9.81 -10.10
CA ILE A 228 7.55 -8.98 -11.29
C ILE A 228 8.89 -8.29 -11.01
N LEU A 232 15.40 -7.01 -11.84
CA LEU A 232 15.95 -7.88 -10.76
C LEU A 232 16.26 -9.27 -11.33
N SER A 233 16.11 -9.44 -12.66
CA SER A 233 16.68 -10.53 -13.48
C SER A 233 18.19 -10.34 -13.69
N ASN A 234 18.70 -9.11 -13.90
CA ASN A 234 20.16 -8.87 -14.05
C ASN A 234 20.81 -9.20 -12.72
N PRO A 235 21.75 -10.17 -12.69
CA PRO A 235 22.48 -10.47 -11.45
C PRO A 235 23.28 -9.24 -10.99
N GLU A 236 23.66 -8.38 -11.93
CA GLU A 236 24.44 -7.14 -11.66
C GLU A 236 23.56 -6.10 -10.96
N ILE A 237 22.30 -5.96 -11.36
CA ILE A 237 21.42 -4.95 -10.71
C ILE A 237 21.07 -5.48 -9.33
N ARG A 238 20.81 -6.78 -9.28
CA ARG A 238 20.52 -7.53 -8.04
C ARG A 238 21.64 -7.31 -7.01
N LYS A 239 22.91 -7.44 -7.42
CA LYS A 239 24.09 -7.20 -6.55
C LYS A 239 24.12 -5.74 -6.09
N ALA A 240 24.01 -4.77 -6.99
CA ALA A 240 24.08 -3.33 -6.61
C ALA A 240 22.96 -2.97 -5.62
N LEU A 241 21.74 -3.44 -5.83
CA LEU A 241 20.58 -3.08 -4.97
C LEU A 241 20.69 -3.79 -3.60
N SER A 242 21.08 -5.05 -3.60
CA SER A 242 21.42 -5.83 -2.38
C SER A 242 22.42 -5.04 -1.51
N SER A 243 23.49 -4.51 -2.12
CA SER A 243 24.62 -3.87 -1.42
C SER A 243 24.19 -2.51 -0.85
N ALA A 244 23.09 -1.92 -1.33
CA ALA A 244 22.53 -0.68 -0.78
C ALA A 244 22.01 -0.89 0.65
N SER A 245 21.61 -2.12 1.01
CA SER A 245 21.11 -2.44 2.37
C SER A 245 22.29 -2.73 3.30
N VAL A 246 22.23 -2.30 4.56
CA VAL A 246 23.31 -2.63 5.54
C VAL A 246 23.30 -4.14 5.77
N PHE A 247 22.23 -4.85 5.35
CA PHE A 247 22.13 -6.32 5.53
C PHE A 247 22.62 -7.08 4.27
N GLY A 248 22.99 -6.41 3.19
CA GLY A 248 23.49 -7.07 1.97
C GLY A 248 22.46 -8.00 1.31
N ARG A 249 21.19 -7.66 1.34
CA ARG A 249 20.12 -8.40 0.61
C ARG A 249 19.05 -7.41 0.15
N LEU A 250 18.28 -7.85 -0.86
CA LEU A 250 17.02 -7.20 -1.28
C LEU A 250 15.98 -7.42 -0.19
N GLY A 251 15.06 -6.47 -0.09
CA GLY A 251 13.83 -6.68 0.69
C GLY A 251 12.99 -7.77 0.06
N ALA A 252 12.16 -8.42 0.88
CA ALA A 252 11.10 -9.36 0.48
C ALA A 252 9.76 -8.71 0.81
N PRO A 253 8.68 -9.03 0.06
CA PRO A 253 7.35 -8.52 0.41
C PRO A 253 7.05 -8.65 1.91
N ALA A 254 7.42 -9.80 2.49
CA ALA A 254 7.16 -10.14 3.90
C ALA A 254 7.80 -9.12 4.83
N ASP A 255 8.99 -8.59 4.50
CA ASP A 255 9.68 -7.57 5.34
C ASP A 255 8.78 -6.33 5.47
N ILE A 256 8.12 -5.96 4.37
CA ILE A 256 7.22 -4.79 4.37
C ILE A 256 5.94 -5.15 5.13
N ALA A 257 5.35 -6.30 4.82
CA ALA A 257 4.06 -6.71 5.40
C ALA A 257 4.17 -6.80 6.92
N ASP A 258 5.29 -7.28 7.44
CA ASP A 258 5.48 -7.37 8.90
C ASP A 258 5.47 -5.96 9.53
N VAL A 259 5.99 -4.94 8.87
CA VAL A 259 5.95 -3.56 9.46
C VAL A 259 4.49 -3.05 9.37
N VAL A 260 3.86 -3.21 8.21
CA VAL A 260 2.48 -2.72 7.95
C VAL A 260 1.53 -3.35 8.98
N SER A 261 1.65 -4.65 9.23
CA SER A 261 0.76 -5.36 10.16
C SER A 261 0.89 -4.75 11.55
N PHE A 262 2.12 -4.46 11.98
CA PHE A 262 2.38 -3.81 13.29
C PHE A 262 1.69 -2.43 13.31
N VAL A 263 1.87 -1.64 12.24
CA VAL A 263 1.36 -0.24 12.19
C VAL A 263 -0.17 -0.31 12.27
N ALA A 264 -0.76 -1.33 11.64
CA ALA A 264 -2.23 -1.56 11.57
C ALA A 264 -2.80 -2.05 12.90
N SER A 265 -1.98 -2.45 13.86
CA SER A 265 -2.40 -3.12 15.09
C SER A 265 -2.54 -2.09 16.22
N ASP A 266 -3.09 -2.56 17.34
CA ASP A 266 -3.27 -1.79 18.60
C ASP A 266 -1.90 -1.52 19.23
N GLU A 267 -0.91 -2.36 18.94
CA GLU A 267 0.47 -2.17 19.46
C GLU A 267 1.04 -0.85 18.94
N ALA A 268 0.56 -0.33 17.81
CA ALA A 268 1.11 0.93 17.24
C ALA A 268 0.16 2.12 17.48
N ARG A 269 -0.74 2.01 18.46
CA ARG A 269 -1.77 3.05 18.75
C ARG A 269 -1.09 4.40 19.02
N TRP A 270 0.16 4.40 19.50
CA TRP A 270 0.85 5.64 19.92
C TRP A 270 1.79 6.16 18.83
N VAL A 271 1.79 5.53 17.67
CA VAL A 271 2.60 5.96 16.49
C VAL A 271 1.66 6.54 15.44
N THR A 272 1.74 7.83 15.19
CA THR A 272 0.88 8.47 14.18
C THR A 272 1.63 9.57 13.46
N GLY A 273 1.29 9.78 12.19
CA GLY A 273 1.87 10.86 11.38
C GLY A 273 3.29 10.57 10.93
N GLN A 274 3.76 9.33 11.02
CA GLN A 274 5.19 9.01 10.87
C GLN A 274 5.47 8.43 9.50
N TRP A 275 6.75 8.41 9.15
CA TRP A 275 7.30 7.83 7.92
C TRP A 275 8.27 6.72 8.35
N ILE A 276 7.83 5.47 8.25
CA ILE A 276 8.54 4.28 8.79
C ILE A 276 9.40 3.70 7.66
N ASP A 277 10.72 3.80 7.83
CA ASP A 277 11.72 3.23 6.89
C ASP A 277 11.65 1.70 6.95
N ALA A 278 11.28 1.06 5.83
CA ALA A 278 11.27 -0.42 5.69
C ALA A 278 12.19 -0.79 4.53
N THR A 279 13.45 -0.33 4.58
CA THR A 279 14.44 -0.45 3.47
C THR A 279 15.64 -1.34 3.82
N GLY A 280 15.69 -1.91 5.02
CA GLY A 280 16.90 -2.60 5.51
C GLY A 280 18.10 -1.65 5.53
N GLY A 281 17.87 -0.40 5.95
CA GLY A 281 18.95 0.54 6.26
C GLY A 281 19.54 1.15 5.00
N VAL A 282 18.76 1.27 3.94
CA VAL A 282 19.25 2.00 2.73
C VAL A 282 19.49 3.48 3.11
N GLY A 283 20.61 4.02 2.65
CA GLY A 283 20.89 5.46 2.73
C GLY A 283 21.38 5.92 4.11
N LEU A 284 21.77 5.00 4.99
CA LEU A 284 22.16 5.37 6.37
C LEU A 284 23.46 6.19 6.34
N GLY A 285 24.47 5.72 5.61
CA GLY A 285 25.77 6.40 5.46
C GLY A 285 26.23 6.34 4.01
#